data_2LWK
#
_entry.id   2LWK
#
loop_
_entity.id
_entity.type
_entity.pdbx_description
1 polymer 'RNA (32-MER)'
2 non-polymer 6,7-dimethoxy-2-(piperazin-1-yl)quinazolin-4-amine
#
_entity_poly.entity_id   1
_entity_poly.type   'polyribonucleotide'
_entity_poly.pdbx_seq_one_letter_code
;GAGUAGAAACAAGGCUUCGGCCUGCUUUUGCU
;
_entity_poly.pdbx_strand_id   A
#
loop_
_chem_comp.id
_chem_comp.type
_chem_comp.name
_chem_comp.formula
0EC non-polymer 6,7-dimethoxy-2-(piperazin-1-yl)quinazolin-4-amine 'C14 H19 N5 O2'
A RNA linking ADENOSINE-5'-MONOPHOSPHATE 'C10 H14 N5 O7 P'
C RNA linking CYTIDINE-5'-MONOPHOSPHATE 'C9 H14 N3 O8 P'
G RNA linking GUANOSINE-5'-MONOPHOSPHATE 'C10 H14 N5 O8 P'
U RNA linking URIDINE-5'-MONOPHOSPHATE 'C9 H13 N2 O9 P'
#
# COMPACT_ATOMS: atom_id res chain seq x y z
C1 0EC B . -2.04 0.30 3.08
N2 0EC B . -0.81 0.08 3.54
C3 0EC B . -0.37 -1.16 3.71
C4 0EC B . -1.19 -2.20 3.47
C5 0EC B . -2.43 -1.98 3.00
N5 0EC B . -3.25 -3.00 2.77
N6 0EC B . -2.84 -0.73 2.81
C7 0EC B . 0.88 -1.37 4.16
C8 0EC B . 1.26 -2.63 4.50
O8 0EC B . 2.07 -2.80 5.64
C9 0EC B . 0.51 -3.66 4.06
O9 0EC B . 1.08 -4.97 3.97
C10 0EC B . -0.76 -3.45 3.66
N11 0EC B . -2.46 1.53 2.91
C12 0EC B . -1.88 2.47 3.67
C13 0EC B . -2.48 2.45 5.07
N14 0EC B . -3.83 2.73 4.99
C15 0EC B . -4.41 1.72 4.24
C16 0EC B . -3.81 1.75 2.84
C8A 0EC B . 1.31 -2.40 6.76
C9A 0EC B . 1.35 -5.43 5.26
H7 0EC B . 1.62 -0.57 4.08
H10 0EC B . -1.41 -4.29 3.44
HN14 0EC B . -4.13 3.67 4.83
H12 0EC B . -2.04 3.45 3.21
H12A 0EC B . -0.81 2.28 3.74
H13 0EC B . -2.35 1.46 5.49
H13A 0EC B . -1.98 3.19 5.70
HN5 0EC B . -4.13 -3.06 3.25
H15 0EC B . -5.49 1.87 4.18
HN5A 0EC B . -3.00 -3.70 2.09
H15A 0EC B . -4.20 0.76 4.70
H16 0EC B . -4.01 2.71 2.37
H16A 0EC B . -4.27 0.96 2.24
H8A 0EC B . 0.37 -2.94 6.76
H8AA 0EC B . 1.87 -2.64 7.67
H8AB 0EC B . 1.12 -1.33 6.71
H9A 0EC B . 2.03 -4.75 5.76
H9AA 0EC B . 0.42 -5.48 5.84
H9AB 0EC B . 1.80 -6.42 5.21
C1 0EC B . -0.29 2.04 -1.38
N2 0EC B . 1.01 1.89 -1.20
C3 0EC B . 1.50 0.69 -0.90
C4 0EC B . 0.67 -0.35 -0.72
C5 0EC B . -0.64 -0.19 -0.91
N5 0EC B . -1.48 -1.22 -0.70
N6 0EC B . -1.12 1.00 -1.23
C7 0EC B . 2.83 0.54 -0.73
C8 0EC B . 3.32 -0.65 -0.29
O8 0EC B . 4.41 -0.63 0.63
C9 0EC B . 2.51 -1.72 -0.31
O9 0EC B . 3.06 -3.03 -0.33
C10 0EC B . 1.17 -1.56 -0.40
N11 0EC B . -0.77 3.22 -1.70
C12 0EC B . -0.03 4.28 -1.33
C13 0EC B . -0.27 4.59 0.14
N14 0EC B . -1.60 4.89 0.35
C15 0EC B . -2.33 3.77 0.01
C16 0EC B . -2.11 3.46 -1.47
C8A 0EC B . 3.94 -0.07 1.83
C9A 0EC B . 3.68 -3.28 0.91
H7 0EC B . 3.50 1.40 -0.84
H10 0EC B . 0.51 -2.40 -0.24
HN14 0EC B . -1.94 5.79 0.05
H12 0EC B . -0.32 5.14 -1.93
H12A 0EC B . 1.02 4.06 -1.49
H13 0EC B . -0.01 3.71 0.73
H13A 0EC B . 0.36 5.43 0.44
HN5 0EC B . -2.08 -1.22 0.10
H15 0EC B . -3.39 3.93 0.19
HN5A 0EC B . -1.51 -1.98 -1.37
H15A 0EC B . -1.98 2.92 0.59
H16 0EC B . -2.43 4.31 -2.07
H16A 0EC B . -2.68 2.58 -1.74
H8A 0EC B . 3.05 -0.59 2.15
H8AA 0EC B . 4.71 -0.17 2.59
H8AB 0EC B . 3.71 0.98 1.67
H9A 0EC B . 4.12 -4.27 0.90
H9AA 0EC B . 4.45 -2.53 1.08
H9AB 0EC B . 2.92 -3.23 1.70
C1 0EC B . 0.05 1.91 -1.15
N2 0EC B . 1.27 1.61 -0.72
C3 0EC B . 1.59 0.36 -0.47
C4 0EC B . 0.67 -0.61 -0.58
C5 0EC B . -0.56 -0.31 -1.02
N5 0EC B . -1.51 -1.25 -1.04
N6 0EC B . -0.86 0.95 -1.29
C7 0EC B . 2.84 0.07 -0.06
C8 0EC B . 3.13 -1.21 0.37
O8 0EC B . 3.98 -1.35 1.48
C9 0EC B . 2.26 -2.18 0.07
O9 0EC B . 2.69 -3.54 0.06
C10 0EC B . 1.00 -1.88 -0.30
N11 0EC B . -0.26 3.17 -1.41
C12 0EC B . 0.35 4.10 -0.68
C13 0EC B . -0.26 4.15 0.72
N14 0EC B . -1.36 3.33 0.77
C15 0EC B . -2.23 3.74 -0.22
C16 0EC B . -1.59 3.48 -1.58
C8A 0EC B . 3.35 -0.79 2.60
C9A 0EC B . 3.00 -3.91 1.38
H7 0EC B . 3.66 0.78 -0.22
H10 0EC B . 0.25 -2.67 -0.42
HN14 0EC B . -1.74 3.10 1.67
H12 0EC B . 0.23 5.06 -1.16
H12A 0EC B . 1.41 3.86 -0.60
H13 0EC B . 0.50 3.79 1.43
H13A 0EC B . -0.53 5.17 0.96
HN5 0EC B . -1.70 -1.80 -0.22
H15 0EC B . -2.44 4.81 -0.10
HN5A 0EC B . -2.03 -1.40 -1.89
H15A 0EC B . -3.15 3.16 -0.15
H16 0EC B . -1.67 4.39 -2.19
H16A 0EC B . -2.11 2.67 -2.07
H8A 0EC B . 3.26 0.29 2.47
H8AA 0EC B . 2.35 -1.22 2.70
H8AB 0EC B . 3.93 -1.00 3.49
H9A 0EC B . 2.12 -3.83 2.00
H9AA 0EC B . 3.35 -4.94 1.40
H9AB 0EC B . 3.78 -3.26 1.77
C1 0EC B . -0.29 2.21 3.53
N2 0EC B . 0.77 1.51 3.92
C3 0EC B . 0.64 0.24 4.23
C4 0EC B . -0.58 -0.33 4.23
C5 0EC B . -1.65 0.38 3.85
N5 0EC B . -2.83 -0.22 3.71
N6 0EC B . -1.50 1.65 3.50
C7 0EC B . 1.72 -0.47 4.60
C8 0EC B . 1.56 -1.75 5.09
O8 0EC B . 2.35 -2.14 6.19
C9 0EC B . 0.39 -2.35 4.86
O9 0EC B . 0.31 -3.77 4.85
C10 0EC B . -0.71 -1.62 4.58
N11 0EC B . -0.14 3.49 3.19
C12 0EC B . 0.68 4.22 3.95
C13 0EC B . -0.05 4.66 5.21
N14 0EC B . -1.14 5.44 4.87
C15 0EC B . -1.98 4.64 4.12
C16 0EC B . -1.26 4.21 2.86
C8A 0EC B . 2.02 -1.31 7.28
C9A 0EC B . 0.61 -4.25 6.14
H7 0EC B . 2.72 -0.10 4.35
H10 0EC B . -1.69 -2.08 4.59
HN14 0EC B . -0.98 6.39 4.56
H12 0EC B . 1.00 5.08 3.39
H12A 0EC B . 1.54 3.62 4.23
H13 0EC B . -0.39 3.79 5.74
H13A 0EC B . 0.64 5.24 5.85
HN5 0EC B . -3.30 -0.20 2.82
H15 0EC B . -2.89 5.20 3.85
HN5A 0EC B . -3.25 -0.70 4.48
H15A 0EC B . -2.25 3.76 4.69
H16 0EC B . -0.98 5.07 2.28
H16A 0EC B . -1.92 3.58 2.26
H8A 0EC B . 0.93 -1.29 7.40
H8AA 0EC B . 2.47 -1.71 8.19
H8AB 0EC B . 2.38 -0.31 7.10
H9A 0EC B . -0.13 -3.86 6.84
H9AA 0EC B . 0.57 -5.34 6.14
H9AB 0EC B . 1.60 -3.91 6.44
C1 0EC B . -1.32 2.11 -3.70
N2 0EC B . -0.01 1.92 -3.85
C3 0EC B . 0.46 0.69 -3.95
C4 0EC B . -0.36 -0.36 -3.83
C5 0EC B . -1.67 -0.16 -3.69
N5 0EC B . -2.52 -1.20 -3.73
N6 0EC B . -2.16 1.07 -3.63
C7 0EC B . 1.79 0.51 -4.11
C8 0EC B . 2.30 -0.76 -4.03
O8 0EC B . 3.54 -0.91 -3.37
C9 0EC B . 1.45 -1.79 -4.11
O9 0EC B . 1.95 -3.07 -4.47
C10 0EC B . 0.12 -1.60 -3.92
N11 0EC B . -1.79 3.35 -3.61
C12 0EC B . -0.88 4.33 -3.63
C13 0EC B . -1.46 5.58 -2.98
N14 0EC B . -2.59 5.98 -3.66
C15 0EC B . -3.51 4.96 -3.56
C16 0EC B . -2.94 3.71 -4.21
C8A 0EC B . 3.36 -0.56 -2.02
C9A 0EC B . 2.67 -3.60 -3.39
H7 0EC B . 2.40 1.32 -4.49
H10 0EC B . -0.54 -2.46 -3.88
HN14 0EC B . -2.48 6.44 -4.56
H12 0EC B . -0.62 4.55 -4.66
H12A 0EC B . 0.01 4.02 -3.10
H13 0EC B . -1.73 5.35 -1.95
H13A 0EC B . -0.71 6.37 -2.99
HN5 0EC B . -2.49 -1.84 -4.51
H15 0EC B . -4.44 5.24 -4.05
HN5A 0EC B . -3.17 -1.35 -2.98
H15A 0EC B . -3.69 4.75 -2.51
H16 0EC B . -2.75 3.91 -5.28
H16A 0EC B . -3.66 2.90 -4.14
H8A 0EC B . 4.27 -0.81 -1.46
H8AA 0EC B . 3.18 0.50 -1.95
H8AB 0EC B . 2.53 -1.12 -1.61
H9A 0EC B . 3.08 -4.56 -3.67
H9AA 0EC B . 3.48 -2.92 -3.13
H9AB 0EC B . 2.00 -3.72 -2.53
C1 0EC B . -1.72 -0.16 -1.30
N2 0EC B . -0.45 -0.40 -1.62
C3 0EC B . -0.02 -1.65 -1.68
C4 0EC B . -0.84 -2.67 -1.36
C5 0EC B . -2.12 -2.41 -1.03
N5 0EC B . -2.93 -3.40 -0.66
N6 0EC B . -2.56 -1.15 -1.00
C7 0EC B . 1.25 -1.90 -2.03
C8 0EC B . 1.73 -3.17 -1.93
O8 0EC B . 3.07 -3.34 -1.50
C9 0EC B . 0.86 -4.18 -1.78
O9 0EC B . 1.26 -5.52 -2.10
C10 0EC B . -0.41 -3.93 -1.39
N11 0EC B . -2.14 1.09 -1.25
C12 0EC B . -1.39 2.01 -1.88
C13 0EC B . -1.66 3.39 -1.32
N14 0EC B . -3.00 3.71 -1.49
C15 0EC B . -3.72 2.78 -0.77
C16 0EC B . -3.46 1.40 -1.33
C8A 0EC B . 3.15 -2.88 -0.17
C9A 0EC B . 2.07 -6.00 -1.05
H7 0EC B . 1.84 -1.14 -2.55
H10 0EC B . -1.08 -4.76 -1.16
HN14 0EC B . -3.31 3.96 -2.41
H12 0EC B . -1.64 1.98 -2.94
H12A 0EC B . -0.34 1.75 -1.76
H13 0EC B . -1.42 3.39 -0.26
H13A 0EC B . -1.03 4.13 -1.84
HN5 0EC B . -3.21 -4.10 -1.34
H15 0EC B . -4.79 3.01 -0.83
HN5A 0EC B . -3.26 -3.46 0.29
H15A 0EC B . -3.40 2.81 0.27
H16 0EC B . -3.78 1.36 -2.37
H16A 0EC B . -4.03 0.66 -0.76
H8A 0EC B . 4.15 -3.10 0.22
H8AA 0EC B . 3.00 -1.81 -0.14
H8AB 0EC B . 2.41 -3.38 0.43
H9A 0EC B . 1.49 -6.02 -0.14
H9AA 0EC B . 2.39 -7.01 -1.30
H9AB 0EC B . 2.93 -5.35 -0.92
C1 0EC B . 1.91 -0.48 0.65
N2 0EC B . 3.20 -0.81 0.73
C3 0EC B . 3.55 -2.08 0.71
C4 0EC B . 2.60 -3.04 0.66
C5 0EC B . 1.31 -2.71 0.58
N5 0EC B . 0.37 -3.64 0.64
N6 0EC B . 0.96 -1.42 0.58
C7 0EC B . 4.85 -2.41 0.76
C8 0EC B . 5.20 -3.72 0.92
O8 0EC B . 6.30 -4.01 1.77
C9 0EC B . 4.27 -4.66 0.69
O9 0EC B . 4.67 -5.99 0.41
C10 0EC B . 2.96 -4.34 0.66
N11 0EC B . 1.57 0.80 0.66
C12 0EC B . 2.54 1.68 0.40
C13 0EC B . 2.18 3.04 0.97
N14 0EC B . 1.00 3.48 0.41
C15 0EC B . 0.02 2.58 0.76
C16 0EC B . 0.37 1.21 0.17
C8A 0EC B . 5.94 -3.65 3.07
C9A 0EC B . 5.08 -6.61 1.61
H7 0EC B . 5.61 -1.67 0.50
H10 0EC B . 2.20 -5.11 0.59
HN14 0EC B . 1.02 3.83 -0.52
H12 0EC B . 2.66 1.76 -0.68
H12A 0EC B . 3.48 1.34 0.84
H13 0EC B . 2.05 2.94 2.05
H13A 0EC B . 2.99 3.75 0.77
HN5 0EC B . -0.11 -3.82 1.50
H15 0EC B . -0.95 2.91 0.38
HN5A 0EC B . 0.13 -4.17 -0.19
H15A 0EC B . -0.03 2.49 1.85
H16 0EC B . 0.42 1.29 -0.91
H16A 0EC B . -0.40 0.50 0.45
H8A 0EC B . 4.99 -4.12 3.34
H8AA 0EC B . 6.71 -3.98 3.77
H8AB 0EC B . 5.83 -2.56 3.13
H9A 0EC B . 5.42 -7.62 1.40
H9AA 0EC B . 5.90 -6.03 2.05
H9AB 0EC B . 4.24 -6.65 2.30
C1 0EC B . -1.02 0.74 -0.14
N2 0EC B . 0.17 0.16 -0.08
C3 0EC B . 0.27 -1.14 0.02
C4 0EC B . -0.84 -1.90 0.16
C5 0EC B . -2.05 -1.31 0.13
N5 0EC B . -3.15 -2.03 0.35
N6 0EC B . -2.13 0.00 -0.04
C7 0EC B . 1.48 -1.72 0.03
C8 0EC B . 1.59 -3.04 0.32
O8 0EC B . 2.73 -3.52 1.01
C9 0EC B . 0.48 -3.81 0.29
O9 0EC B . 0.59 -5.21 0.19
C10 0EC B . -0.73 -3.23 0.28
N11 0EC B . -1.12 2.06 -0.29
C12 0EC B . -0.20 2.78 0.35
C13 0EC B . -0.58 2.94 1.81
N14 0EC B . -1.80 3.58 1.90
C15 0EC B . -2.73 2.78 1.27
C16 0EC B . -2.35 2.63 -0.19
C8A 0EC B . 2.77 -2.89 2.27
C9A 0EC B . 1.16 -5.71 1.37
H7 0EC B . 2.35 -1.18 -0.36
H10 0EC B . -1.64 -3.84 0.32
HN14 0EC B . -1.84 4.57 1.75
H12 0EC B . -0.15 3.76 -0.12
H12A 0EC B . 0.77 2.30 0.27
H13 0EC B . -0.67 1.94 2.26
H13A 0EC B . 0.18 3.51 2.34
HN5 0EC B . -3.91 -1.65 0.88
H15 0EC B . -3.73 3.22 1.35
HN5A 0EC B . -3.22 -2.96 -0.04
H15A 0EC B . -2.73 1.79 1.74
H16 0EC B . -2.33 3.61 -0.66
H16A 0EC B . -3.09 2.01 -0.70
H8A 0EC B . 2.99 -1.83 2.13
H8AA 0EC B . 1.80 -2.98 2.75
H8AB 0EC B . 3.54 -3.35 2.88
H9A 0EC B . 1.25 -6.79 1.31
H9AA 0EC B . 2.14 -5.28 1.53
H9AB 0EC B . 0.51 -5.46 2.21
C1 0EC B . 0.28 3.96 -0.48
N2 0EC B . 1.57 3.65 -0.51
C3 0EC B . 1.95 2.39 -0.62
C4 0EC B . 1.02 1.41 -0.59
C5 0EC B . -0.28 1.72 -0.56
N5 0EC B . -1.20 0.76 -0.58
N6 0EC B . -0.64 3.00 -0.51
C7 0EC B . 3.26 2.08 -0.68
C8 0EC B . 3.64 0.78 -0.54
O8 0EC B . 4.77 0.50 0.26
C9 0EC B . 2.71 -0.18 -0.73
O9 0EC B . 3.13 -1.49 -1.07
C10 0EC B . 1.41 0.13 -0.69
N11 0EC B . -0.08 5.22 -0.40
C12 0EC B . 0.85 6.08 0.04
C13 0EC B . 0.19 7.37 0.53
N14 0EC B . -0.52 7.94 -0.50
C15 0EC B . -1.51 7.05 -0.87
C16 0EC B . -0.87 5.77 -1.37
C8A 0EC B . 4.53 1.04 1.55
C9A 0EC B . 3.82 -2.03 0.03
H7 0EC B . 3.96 2.82 -1.07
H10 0EC B . 0.66 -0.67 -0.77
HN14 0EC B . -0.02 8.42 -1.23
H12 0EC B . 1.52 6.32 -0.79
H12A 0EC B . 1.41 5.63 0.84
H13 0EC B . -0.49 7.11 1.34
H13A 0EC B . 0.95 8.05 0.89
HN5 0EC B . -1.81 0.67 -1.38
H15 0EC B . -2.14 7.48 -1.65
HN5A 0EC B . -1.28 0.13 0.20
H15A 0EC B . -2.12 6.81 0.00
H16 0EC B . -0.25 5.98 -2.24
H16A 0EC B . -1.64 5.06 -1.65
H8A 0EC B . 5.32 0.69 2.23
H8AA 0EC B . 4.54 2.12 1.50
H8AB 0EC B . 3.57 0.68 1.91
H9A 0EC B . 4.17 -3.04 -0.22
H9AA 0EC B . 4.69 -1.42 0.26
H9AB 0EC B . 3.17 -2.09 0.89
C1 0EC B . -1.23 5.80 0.39
N2 0EC B . -0.15 5.01 0.46
C3 0EC B . -0.30 3.70 0.51
C4 0EC B . -1.54 3.15 0.52
C5 0EC B . -2.61 3.95 0.42
N5 0EC B . -3.82 3.41 0.24
N6 0EC B . -2.45 5.28 0.37
C7 0EC B . 0.78 2.91 0.60
C8 0EC B . 0.63 1.55 0.75
O8 0EC B . 1.57 0.87 1.55
C9 0EC B . -0.59 1.03 0.55
O9 0EC B . -0.73 -0.34 0.26
C10 0EC B . -1.68 1.83 0.59
N11 0EC B . -1.07 7.11 0.36
C12 0EC B . -0.19 7.62 1.21
C13 0EC B . -0.78 7.69 2.61
N14 0EC B . -1.90 8.51 2.60
C15 0EC B . -2.81 7.95 1.74
C16 0EC B . -2.21 7.88 0.35
C8A 0EC B . 1.37 1.28 2.88
C9A 0EC B . -0.32 -1.10 1.37
H7 0EC B . 1.78 3.36 0.71
H10 0EC B . -2.68 1.39 0.64
HN14 0EC B . -1.75 9.50 2.57
H12 0EC B . 0.08 8.63 0.89
H12A 0EC B . 0.71 7.01 1.23
H13 0EC B . -1.09 6.68 2.90
H13A 0EC B . -0.04 8.07 3.32
HN5 0EC B . -4.51 3.49 0.97
H15 0EC B . -3.73 8.54 1.72
HN5A 0EC B . -4.04 2.95 -0.63
H15A 0EC B . -3.04 6.93 2.06
H16 0EC B . -1.97 8.89 0.01
H16A 0EC B . -2.93 7.45 -0.34
H8A 0EC B . 1.77 0.51 3.56
H8AA 0EC B . 1.88 2.21 3.06
H8AB 0EC B . 0.31 1.40 3.08
H9A 0EC B . 0.71 -0.86 1.59
H9AA 0EC B . -0.94 -0.86 2.22
H9AB 0EC B . -0.41 -2.17 1.13
C1 0EC B . -1.59 1.55 -3.70
N2 0EC B . -0.31 1.21 -3.56
C3 0EC B . 0.01 -0.04 -3.27
C4 0EC B . -0.97 -0.95 -3.06
C5 0EC B . -2.25 -0.60 -3.22
N5 0EC B . -3.21 -1.53 -3.17
N6 0EC B . -2.55 0.66 -3.53
C7 0EC B . 1.30 -0.38 -3.13
C8 0EC B . 1.61 -1.64 -2.68
O8 0EC B . 2.68 -1.75 -1.75
C9 0EC B . 0.65 -2.57 -2.68
O9 0EC B . 1.01 -3.95 -2.70
C10 0EC B . -0.64 -2.21 -2.74
N11 0EC B . -1.89 2.80 -4.00
C12 0EC B . -1.12 3.75 -3.46
C13 0EC B . -1.52 3.97 -2.01
N14 0EC B . -2.83 4.39 -1.94
C15 0EC B . -3.61 3.39 -2.48
C16 0EC B . -3.21 3.17 -3.93
C8A 0EC B . 2.25 -1.18 -0.54
C9A 0EC B . 1.67 -4.26 -1.50
H7 0EC B . 2.08 0.27 -3.52
H10 0EC B . -1.43 -2.94 -2.56
HN14 0EC B . -3.04 5.35 -2.19
H12 0EC B . -1.25 4.68 -4.01
H12A 0EC B . -0.08 3.45 -3.51
H13 0EC B . -1.42 3.02 -1.47
H13A 0EC B . -0.86 4.71 -1.55
HN5 0EC B . -3.20 -2.29 -3.83
H15 0EC B . -4.67 3.66 -2.42
HN5A 0EC B . -3.92 -1.48 -2.46
H15A 0EC B . -3.44 2.46 -1.93
H16 0EC B . -3.37 4.09 -4.49
H16A 0EC B . -3.83 2.39 -4.36
H8A 0EC B . 2.96 -1.44 0.25
H8AA 0EC B . 2.20 -0.10 -0.63
H8AB 0EC B . 1.28 -1.58 -0.28
H9A 0EC B . 1.01 -4.08 -0.66
H9AA 0EC B . 1.96 -5.31 -1.51
H9AB 0EC B . 2.56 -3.65 -1.41
C1 0EC B . -2.36 0.49 -1.36
N2 0EC B . -1.04 0.38 -1.35
C3 0EC B . -0.47 -0.80 -1.45
C4 0EC B . -1.23 -1.92 -1.50
C5 0EC B . -2.56 -1.81 -1.51
N5 0EC B . -3.32 -2.90 -1.48
N6 0EC B . -3.12 -0.61 -1.45
C7 0EC B . 0.87 -0.90 -1.47
C8 0EC B . 1.45 -2.14 -1.34
O8 0EC B . 2.61 -2.26 -0.55
C9 0EC B . 0.69 -3.22 -1.58
O9 0EC B . 1.32 -4.45 -1.92
C10 0EC B . -0.65 -3.12 -1.58
N11 0EC B . -2.92 1.68 -1.26
C12 0EC B . -2.10 2.70 -0.97
C13 0EC B . -2.89 3.82 -0.32
N14 0EC B . -4.23 3.49 -0.29
C15 0EC B . -4.63 3.27 -1.59
C16 0EC B . -3.90 2.04 -2.13
C8A 0EC B . 2.31 -1.81 0.74
C9A 0EC B . 2.02 -4.92 -0.79
H7 0EC B . 1.48 -0.04 -1.78
H10 0EC B . -1.26 -4.02 -1.69
HN14 0EC B . -4.84 4.02 0.31
H12 0EC B . -1.64 3.05 -1.89
H12A 0EC B . -1.33 2.36 -0.29
H13 0EC B . -2.53 3.95 0.70
H13A 0EC B . -2.74 4.75 -0.88
HN5 0EC B . -3.06 -3.68 -0.88
H15 0EC B . -4.41 4.14 -2.21
HN5A 0EC B . -4.17 -2.95 -2.02
H15A 0EC B . -5.70 3.07 -1.61
H16 0EC B . -3.47 2.28 -3.10
H16A 0EC B . -4.61 1.22 -2.24
H8A 0EC B . 3.14 -2.02 1.41
H8AA 0EC B . 2.13 -0.73 0.72
H8AB 0EC B . 1.42 -2.31 1.11
H9A 0EC B . 2.52 -5.86 -1.04
H9AA 0EC B . 2.76 -4.18 -0.50
H9AB 0EC B . 1.33 -5.10 0.03
C1 0EC B . 1.19 -3.41 -2.05
N2 0EC B . 2.46 -3.60 -1.72
C3 0EC B . 2.97 -4.82 -1.69
C4 0EC B . 2.17 -5.88 -1.94
C5 0EC B . 0.89 -5.68 -2.29
N5 0EC B . 0.09 -6.73 -2.47
N6 0EC B . 0.40 -4.45 -2.33
C7 0EC B . 4.26 -5.00 -1.38
C8 0EC B . 4.72 -6.26 -1.18
O8 0EC B . 5.73 -6.47 -0.20
C9 0EC B . 3.98 -7.30 -1.59
O9 0EC B . 4.59 -8.57 -1.78
C10 0EC B . 2.67 -7.12 -1.89
N11 0EC B . 0.69 -2.18 -2.08
C12 0EC B . 1.53 -1.20 -1.73
C13 0EC B . 0.74 0.00 -1.23
N14 0EC B . -0.61 -0.23 -1.41
C15 0EC B . -0.81 -0.50 -2.74
C16 0EC B . -0.12 -1.81 -3.10
C8A 0EC B . 5.26 -6.00 1.03
C9A 0EC B . 4.81 -9.15 -0.52
H7 0EC B . 4.96 -4.16 -1.48
H10 0EC B . 2.05 -7.97 -2.15
HN14 0EC B . -1.26 0.38 -0.94
H12 0EC B . 2.13 -0.91 -2.59
H12A 0EC B . 2.20 -1.55 -0.94
H13 0EC B . 0.95 0.14 -0.17
H13A 0EC B . 1.05 0.90 -1.78
HN5 0EC B . -0.87 -6.69 -2.16
H15 0EC B . -0.40 0.31 -3.36
HN5A 0EC B . 0.43 -7.55 -2.93
H15A 0EC B . -1.88 -0.60 -2.93
H16 0EC B . 0.46 -1.68 -4.01
H16A 0EC B . -0.88 -2.58 -3.26
H8A 0EC B . 5.14 -4.93 0.98
H8AA 0EC B . 4.28 -6.46 1.23
H8AB 0EC B . 5.96 -6.26 1.81
H9A 0EC B . 3.87 -9.31 -0.02
H9AA 0EC B . 5.32 -10.11 -0.65
H9AB 0EC B . 5.44 -8.49 0.08
C1 0EC B . -0.06 -0.61 -3.10
N2 0EC B . 1.25 -0.83 -3.05
C3 0EC B . 1.71 -2.08 -3.11
C4 0EC B . 0.84 -3.11 -3.12
C5 0EC B . -0.47 -2.87 -3.16
N5 0EC B . -1.33 -3.89 -3.08
N6 0EC B . -0.92 -1.63 -3.16
C7 0EC B . 3.04 -2.29 -3.08
C8 0EC B . 3.49 -3.58 -2.96
O8 0EC B . 4.59 -3.80 -2.10
C9 0EC B . 2.64 -4.59 -3.19
O9 0EC B . 3.13 -5.87 -3.56
C10 0EC B . 1.30 -4.37 -3.15
N11 0EC B . -0.50 0.64 -3.08
C12 0EC B . 0.20 1.51 -2.35
C13 0EC B . -0.14 1.35 -0.87
N14 0EC B . -1.47 1.60 -0.68
C15 0EC B . -2.18 0.67 -1.41
C16 0EC B . -1.85 0.84 -2.88
C8A 0EC B . 4.18 -3.56 -0.78
C9A 0EC B . 3.83 -6.41 -2.47
H7 0EC B . 3.72 -1.49 -3.33
H10 0EC B . 0.61 -5.20 -3.19
HN14 0EC B . -1.79 2.55 -0.69
H12 0EC B . -0.04 2.52 -2.67
H12A 0EC B . 1.27 1.33 -2.50
H13 0EC B . 0.08 0.32 -0.58
H13A 0EC B . 0.47 2.03 -0.28
HN5 0EC B . -1.19 -4.63 -2.42
H15 0EC B . -3.25 0.80 -1.26
HN5A 0EC B . -2.15 -3.91 -3.69
H15A 0EC B . -1.89 -0.33 -1.10
H16 0EC B . -2.12 1.84 -3.21
H16A 0EC B . -2.41 0.11 -3.46
H8A 0EC B . 4.01 -2.48 -0.65
H8AA 0EC B . 3.26 -4.09 -0.59
H8AB 0EC B . 4.95 -3.89 -0.09
H9A 0EC B . 4.64 -5.75 -2.18
H9AA 0EC B . 3.15 -6.54 -1.62
H9AB 0EC B . 4.24 -7.38 -2.75
C1 0EC B . -1.57 -1.00 0.57
N2 0EC B . -0.28 -1.34 0.61
C3 0EC B . 0.08 -2.59 0.41
C4 0EC B . -0.86 -3.54 0.26
C5 0EC B . -2.16 -3.21 0.23
N5 0EC B . -3.09 -4.15 0.13
N6 0EC B . -2.50 -1.93 0.38
C7 0EC B . 1.39 -2.91 0.41
C8 0EC B . 1.74 -4.24 0.46
O8 0EC B . 2.81 -4.61 1.29
C9 0EC B . 0.83 -5.15 0.11
O9 0EC B . 1.23 -6.44 -0.32
C10 0EC B . -0.49 -4.82 0.09
N11 0EC B . -1.92 0.26 0.75
C12 0EC B . -0.94 1.12 1.03
C13 0EC B . -1.50 2.34 1.72
N14 0EC B . -2.42 2.96 0.90
C15 0EC B . -3.44 2.06 0.69
C16 0EC B . -2.88 0.84 -0.02
C8A 0EC B . 2.55 -4.14 2.59
C9A 0EC B . 1.90 -7.07 0.75
H7 0EC B . 2.13 -2.15 0.16
H10 0EC B . -1.24 -5.58 -0.11
HN14 0EC B . -2.08 3.50 0.13
H12 0EC B . -0.44 1.42 0.10
H12A 0EC B . -0.21 0.64 1.68
H13 0EC B . -2.00 2.03 2.65
H13A 0EC B . -0.69 3.04 1.98
HN5 0EC B . -3.49 -4.37 -0.77
H15 0EC B . -4.23 2.53 0.08
HN5A 0EC B . -3.39 -4.65 0.95
H15A 0EC B . -3.86 1.75 1.65
H16 0EC B . -2.46 1.14 -0.98
H16A 0EC B . -3.69 0.12 -0.19
H8A 0EC B . 1.53 -4.40 2.86
H8AA 0EC B . 3.23 -4.61 3.29
H8AB 0EC B . 2.67 -3.07 2.61
H9A 0EC B . 2.22 -8.06 0.44
H9AA 0EC B . 2.77 -6.49 1.04
H9AB 0EC B . 1.22 -7.16 1.60
C1 0EC B . -3.09 2.86 -1.82
N2 0EC B . -1.84 2.46 -1.65
C3 0EC B . -1.58 1.18 -1.43
C4 0EC B . -2.59 0.31 -1.26
C5 0EC B . -3.85 0.73 -1.40
N5 0EC B . -4.87 -0.10 -1.11
N6 0EC B . -4.10 2.00 -1.70
C7 0EC B . -0.30 0.78 -1.31
C8 0EC B . -0.04 -0.50 -0.91
O8 0EC B . 1.13 -0.72 -0.16
C9 0EC B . -1.05 -1.38 -0.84
O9 0EC B . -0.77 -2.76 -0.63
C10 0EC B . -2.32 -0.99 -1.05
N11 0EC B . -3.33 4.13 -2.09
C12 0EC B . -2.45 5.02 -1.63
C13 0EC B . -2.71 5.30 -0.16
N14 0EC B . -3.98 5.83 -0.01
C15 0EC B . -4.88 4.87 -0.45
C16 0EC B . -4.61 4.59 -1.92
C8A 0EC B . 0.94 -0.15 1.11
C9A 0EC B . -0.86 -3.03 0.75
H7 0EC B . 0.51 1.39 -1.71
H10 0EC B . -3.13 -1.72 -1.06
HN14 0EC B . -4.14 6.79 -0.26
H12 0EC B . -2.54 5.94 -2.20
H12A 0EC B . -1.44 4.63 -1.74
H13 0EC B . -2.66 4.36 0.39
H13A 0EC B . -1.97 5.99 0.23
HN5 0EC B . -5.62 0.21 -0.54
H15 0EC B . -5.91 5.23 -0.31
HN5A 0EC B . -4.87 -1.03 -1.50
H15A 0EC B . -4.73 3.96 0.12
H16 0EC B . -4.76 5.51 -2.50
H16A 0EC B . -5.32 3.83 -2.28
H8A 0EC B . 0.04 -0.58 1.57
H8AA 0EC B . 1.80 -0.38 1.74
H8AB 0EC B . 0.81 0.92 1.02
H9A 0EC B . 0.14 -3.11 1.17
H9AA 0EC B . -1.39 -2.23 1.24
H9AB 0EC B . -1.37 -3.97 0.90
#